data_2M58
#
_entry.id   2M58
#
_entity_poly.entity_id   1
_entity_poly.type   'polyribonucleotide'
_entity_poly.pdbx_seq_one_letter_code
;(GTP)GAAGAAAGGGCUUCGGCCACUCAAACUACAGAGACGCCAGUCACUCAGAUAUCCUGGU
;
_entity_poly.pdbx_strand_id   A
#